data_7L4W
#
_entry.id   7L4W
#
_cell.length_a   92.623
_cell.length_b   127.215
_cell.length_c   135.961
_cell.angle_alpha   90.000
_cell.angle_beta   90.000
_cell.angle_gamma   90.000
#
_symmetry.space_group_name_H-M   'I 2 2 2'
#
loop_
_entity.id
_entity.type
_entity.pdbx_description
1 polymer 'Monoglyceride lipase'
2 non-polymer (2s,4R)-2-{4-[(2-chloro-4-fluorophenoxy)methyl]piperidine-1-carbonyl}-7-oxa-5-azaspiro[3.4]octan-6-one
3 water water
#
_entity_poly.entity_id   1
_entity_poly.type   'polypeptide(L)'
_entity_poly.pdbx_seq_one_letter_code
;MHHHHHHGSENLYFQGSMPEESSPRRTPQSIPYQDLPHLVNADGQYLFCRYWAPTGTPKALIFVSHGAGEHSGRYEELAR
MLMGLDLLVFAHDHVGHGQSEGERMVVSDFHVFVRDVLQHVDSMQKDYPGLPVFLLGHSMGGAIAILTAAERPGHFAGMV
LISPLVLANPESATTFKVLAAKVLNSVLPNLSSGPIDSSVLSRNKTEVDIYNSDPLICRAGLKVCFGIQLLNAVSRVERA
LPKLTVPFLLLQGSADRLCDSKGAYLLMELAKSQDKTLKIYEGAYHVLHKELPEVTNSVFHEINMWVSQRTATAGTASPP
;
_entity_poly.pdbx_strand_id   A,B
#
# COMPACT_ATOMS: atom_id res chain seq x y z
N PRO A 24 22.71 -2.23 7.79
CA PRO A 24 21.94 -3.28 7.06
C PRO A 24 21.26 -2.77 5.77
N ARG A 25 21.44 -3.49 4.64
CA ARG A 25 20.78 -3.15 3.34
C ARG A 25 19.27 -3.14 3.53
N ARG A 26 18.62 -2.05 3.10
CA ARG A 26 17.16 -1.83 3.23
C ARG A 26 16.54 -1.64 1.84
N THR A 27 15.28 -2.04 1.69
CA THR A 27 14.42 -1.69 0.53
C THR A 27 14.31 -0.16 0.52
N PRO A 28 13.97 0.46 -0.64
CA PRO A 28 13.65 1.89 -0.67
C PRO A 28 12.50 2.32 0.26
N GLN A 29 11.78 1.38 0.88
CA GLN A 29 10.68 1.64 1.85
C GLN A 29 11.22 1.48 3.29
N SER A 30 12.52 1.17 3.42
CA SER A 30 13.36 1.16 4.66
C SER A 30 13.18 -0.14 5.47
N ILE A 31 12.80 -1.26 4.82
CA ILE A 31 12.70 -2.60 5.47
C ILE A 31 13.97 -3.40 5.13
N PRO A 32 14.60 -4.10 6.11
CA PRO A 32 15.80 -4.90 5.85
C PRO A 32 15.58 -6.05 4.84
N TYR A 33 16.57 -6.26 3.96
CA TYR A 33 16.59 -7.35 2.94
C TYR A 33 16.81 -8.71 3.64
N GLN A 34 17.44 -8.69 4.83
CA GLN A 34 17.67 -9.90 5.66
C GLN A 34 16.34 -10.62 5.91
N ASP A 35 15.24 -9.89 6.11
CA ASP A 35 13.91 -10.43 6.52
C ASP A 35 13.05 -10.84 5.30
N LEU A 36 13.49 -10.55 4.07
CA LEU A 36 12.67 -10.65 2.82
C LEU A 36 13.30 -11.64 1.84
N PRO A 37 12.49 -12.45 1.12
CA PRO A 37 13.02 -13.30 0.05
C PRO A 37 13.62 -12.36 -1.01
N HIS A 38 14.84 -12.63 -1.50
CA HIS A 38 15.59 -11.73 -2.41
C HIS A 38 16.65 -12.49 -3.21
N LEU A 39 17.28 -11.84 -4.19
CA LEU A 39 18.52 -12.35 -4.86
C LEU A 39 19.36 -11.13 -5.22
N VAL A 40 20.62 -11.35 -5.62
CA VAL A 40 21.58 -10.29 -6.04
C VAL A 40 21.90 -10.46 -7.53
N ASN A 41 21.77 -9.38 -8.32
CA ASN A 41 21.93 -9.40 -9.80
C ASN A 41 23.42 -9.26 -10.13
N ALA A 42 23.76 -9.32 -11.41
CA ALA A 42 25.15 -9.27 -11.93
C ALA A 42 25.84 -7.97 -11.47
N ASP A 43 25.08 -6.88 -11.27
CA ASP A 43 25.59 -5.55 -10.87
C ASP A 43 25.50 -5.36 -9.34
N GLY A 44 25.27 -6.42 -8.56
CA GLY A 44 25.31 -6.40 -7.08
C GLY A 44 24.10 -5.72 -6.44
N GLN A 45 22.99 -5.58 -7.17
CA GLN A 45 21.75 -4.94 -6.66
C GLN A 45 20.84 -6.03 -6.06
N TYR A 46 20.13 -5.72 -4.97
CA TYR A 46 19.18 -6.64 -4.29
C TYR A 46 17.79 -6.52 -4.97
N LEU A 47 17.26 -7.65 -5.40
CA LEU A 47 15.91 -7.76 -6.04
C LEU A 47 15.02 -8.55 -5.08
N PHE A 48 13.92 -7.95 -4.64
CA PHE A 48 12.89 -8.61 -3.81
C PHE A 48 12.23 -9.71 -4.66
N CYS A 49 11.96 -10.85 -4.05
CA CYS A 49 11.40 -12.07 -4.70
C CYS A 49 10.13 -12.50 -3.97
N ARG A 50 9.14 -12.96 -4.74
CA ARG A 50 7.89 -13.63 -4.26
C ARG A 50 7.84 -15.05 -4.81
N TYR A 51 7.29 -15.95 -4.03
CA TYR A 51 7.10 -17.37 -4.40
C TYR A 51 5.69 -17.76 -4.01
N TRP A 52 5.10 -18.60 -4.83
CA TRP A 52 3.78 -19.21 -4.56
C TRP A 52 3.92 -20.68 -4.94
N ALA A 53 4.28 -21.52 -3.96
CA ALA A 53 4.67 -22.93 -4.15
C ALA A 53 3.50 -23.85 -3.82
N PRO A 54 3.22 -24.88 -4.65
CA PRO A 54 2.27 -25.91 -4.29
C PRO A 54 2.90 -26.89 -3.29
N THR A 55 2.05 -27.68 -2.61
CA THR A 55 2.41 -28.65 -1.54
C THR A 55 3.37 -29.70 -2.12
N GLY A 56 3.06 -30.26 -3.29
CA GLY A 56 3.79 -31.40 -3.87
C GLY A 56 5.09 -31.01 -4.55
N THR A 57 5.61 -31.90 -5.41
CA THR A 57 6.48 -31.59 -6.56
C THR A 57 5.58 -30.99 -7.65
N PRO A 58 5.90 -29.79 -8.17
CA PRO A 58 5.04 -29.11 -9.14
C PRO A 58 5.17 -29.66 -10.56
N LYS A 59 4.13 -29.50 -11.39
CA LYS A 59 4.10 -29.92 -12.83
C LYS A 59 5.12 -29.11 -13.62
N ALA A 60 5.30 -27.82 -13.31
CA ALA A 60 6.11 -26.85 -14.07
C ALA A 60 6.36 -25.58 -13.25
N LEU A 61 7.32 -24.76 -13.71
CA LEU A 61 7.59 -23.41 -13.15
C LEU A 61 7.00 -22.34 -14.08
N ILE A 62 6.60 -21.20 -13.51
CA ILE A 62 6.20 -20.00 -14.29
C ILE A 62 6.72 -18.76 -13.56
N PHE A 63 7.60 -18.01 -14.24
CA PHE A 63 8.04 -16.66 -13.85
C PHE A 63 7.02 -15.60 -14.30
N VAL A 64 6.65 -14.71 -13.37
CA VAL A 64 5.74 -13.56 -13.58
C VAL A 64 6.56 -12.27 -13.67
N SER A 65 6.35 -11.50 -14.74
CA SER A 65 7.14 -10.31 -15.16
C SER A 65 6.22 -9.09 -15.18
N HIS A 66 6.31 -8.23 -14.16
CA HIS A 66 5.44 -7.04 -13.99
C HIS A 66 5.89 -5.95 -14.95
N GLY A 67 5.11 -4.89 -15.11
CA GLY A 67 5.45 -3.80 -16.04
C GLY A 67 6.03 -2.58 -15.35
N ALA A 68 6.11 -1.48 -16.09
CA ALA A 68 6.68 -0.20 -15.67
C ALA A 68 5.87 0.37 -14.49
N GLY A 69 6.59 0.88 -13.49
CA GLY A 69 6.04 1.62 -12.35
C GLY A 69 5.32 0.73 -11.36
N GLU A 70 5.20 -0.57 -11.62
CA GLU A 70 4.45 -1.49 -10.73
C GLU A 70 5.42 -2.51 -10.12
N HIS A 71 4.92 -3.65 -9.63
CA HIS A 71 5.71 -4.62 -8.84
C HIS A 71 5.00 -5.97 -8.84
N SER A 72 5.71 -7.00 -8.39
CA SER A 72 5.26 -8.42 -8.39
C SER A 72 3.99 -8.63 -7.55
N GLY A 73 3.74 -7.80 -6.52
CA GLY A 73 2.62 -7.97 -5.59
C GLY A 73 1.26 -7.84 -6.26
N ARG A 74 1.19 -7.12 -7.39
CA ARG A 74 -0.06 -6.94 -8.18
C ARG A 74 -0.48 -8.22 -8.89
N TYR A 75 0.32 -9.29 -8.83
CA TYR A 75 0.11 -10.57 -9.55
C TYR A 75 -0.36 -11.65 -8.56
N GLU A 76 -0.81 -11.21 -7.38
CA GLU A 76 -1.20 -12.10 -6.26
C GLU A 76 -2.28 -13.07 -6.74
N GLU A 77 -3.43 -12.57 -7.21
CA GLU A 77 -4.60 -13.43 -7.60
C GLU A 77 -4.18 -14.36 -8.75
N LEU A 78 -3.51 -13.83 -9.78
CA LEU A 78 -3.03 -14.65 -10.94
C LEU A 78 -2.13 -15.77 -10.42
N ALA A 79 -1.19 -15.44 -9.55
CA ALA A 79 -0.20 -16.38 -8.98
C ALA A 79 -0.92 -17.47 -8.18
N ARG A 80 -1.88 -17.09 -7.33
CA ARG A 80 -2.65 -18.04 -6.47
C ARG A 80 -3.36 -19.07 -7.37
N MET A 81 -4.04 -18.59 -8.41
CA MET A 81 -4.76 -19.45 -9.40
C MET A 81 -3.76 -20.40 -10.07
N LEU A 82 -2.59 -19.90 -10.49
CA LEU A 82 -1.57 -20.72 -11.21
C LEU A 82 -0.93 -21.76 -10.27
N MET A 83 -0.81 -21.44 -8.98
CA MET A 83 -0.34 -22.39 -7.95
C MET A 83 -1.40 -23.49 -7.80
N GLY A 84 -2.69 -23.09 -7.81
CA GLY A 84 -3.86 -23.99 -7.80
C GLY A 84 -3.79 -25.08 -8.85
N LEU A 85 -2.99 -24.88 -9.91
CA LEU A 85 -2.77 -25.85 -11.03
C LEU A 85 -1.49 -26.67 -10.81
N ASP A 86 -0.89 -26.63 -9.62
CA ASP A 86 0.35 -27.37 -9.25
C ASP A 86 1.55 -26.82 -10.03
N LEU A 87 1.54 -25.53 -10.38
CA LEU A 87 2.74 -24.83 -10.91
C LEU A 87 3.38 -24.07 -9.76
N LEU A 88 4.72 -23.96 -9.78
CA LEU A 88 5.48 -23.09 -8.85
C LEU A 88 5.67 -21.73 -9.53
N VAL A 89 4.97 -20.72 -9.00
CA VAL A 89 5.01 -19.32 -9.48
C VAL A 89 6.15 -18.61 -8.76
N PHE A 90 7.01 -17.93 -9.52
CA PHE A 90 8.06 -17.05 -8.94
C PHE A 90 8.14 -15.75 -9.73
N ALA A 91 8.62 -14.72 -9.05
CA ALA A 91 8.75 -13.35 -9.57
C ALA A 91 9.81 -12.61 -8.77
N HIS A 92 10.34 -11.54 -9.37
CA HIS A 92 11.08 -10.50 -8.63
C HIS A 92 10.60 -9.15 -9.13
N ASP A 93 10.82 -8.12 -8.32
CA ASP A 93 10.63 -6.71 -8.72
C ASP A 93 11.85 -6.35 -9.56
N HIS A 94 11.62 -5.90 -10.79
CA HIS A 94 12.69 -5.39 -11.69
C HIS A 94 13.47 -4.27 -10.99
N VAL A 95 14.73 -4.14 -11.36
CA VAL A 95 15.62 -3.02 -10.96
C VAL A 95 14.78 -1.73 -11.02
N GLY A 96 14.81 -0.95 -9.94
CA GLY A 96 14.27 0.41 -9.89
C GLY A 96 12.76 0.40 -9.67
N HIS A 97 12.21 -0.74 -9.25
CA HIS A 97 10.77 -1.00 -9.04
C HIS A 97 10.50 -1.70 -7.71
N GLY A 98 9.33 -1.43 -7.13
CA GLY A 98 8.78 -2.15 -5.96
C GLY A 98 9.76 -2.12 -4.81
N GLN A 99 10.14 -3.30 -4.33
CA GLN A 99 10.94 -3.52 -3.10
C GLN A 99 12.38 -3.87 -3.48
N SER A 100 12.75 -3.62 -4.74
CA SER A 100 14.11 -3.88 -5.26
C SER A 100 14.88 -2.57 -5.27
N GLU A 101 16.21 -2.63 -5.38
CA GLU A 101 17.08 -1.44 -5.36
C GLU A 101 17.13 -0.82 -6.75
N GLY A 102 17.76 0.36 -6.86
CA GLY A 102 17.90 1.17 -8.08
C GLY A 102 17.15 2.48 -7.95
N GLU A 103 17.66 3.55 -8.56
CA GLU A 103 16.89 4.81 -8.80
C GLU A 103 15.57 4.40 -9.47
N ARG A 104 14.45 5.05 -9.12
CA ARG A 104 13.08 4.61 -9.51
C ARG A 104 12.92 4.74 -11.03
N MET A 105 12.48 3.68 -11.69
CA MET A 105 12.10 3.69 -13.13
C MET A 105 13.19 4.36 -13.96
N VAL A 106 14.45 3.98 -13.71
CA VAL A 106 15.56 4.14 -14.70
C VAL A 106 16.28 2.80 -14.76
N VAL A 107 16.96 2.56 -15.88
CA VAL A 107 17.78 1.34 -16.07
C VAL A 107 18.93 1.69 -17.03
N SER A 108 20.13 1.19 -16.74
CA SER A 108 21.36 1.45 -17.53
C SER A 108 21.04 1.13 -19.00
N ASP A 109 20.65 -0.12 -19.25
CA ASP A 109 20.12 -0.64 -20.54
C ASP A 109 18.98 -1.62 -20.26
N PHE A 110 17.97 -1.63 -21.13
CA PHE A 110 16.74 -2.46 -20.99
C PHE A 110 17.12 -3.92 -20.77
N HIS A 111 18.29 -4.37 -21.26
CA HIS A 111 18.70 -5.80 -21.18
C HIS A 111 18.95 -6.21 -19.72
N VAL A 112 19.12 -5.26 -18.81
CA VAL A 112 19.28 -5.59 -17.37
C VAL A 112 18.07 -6.43 -16.93
N PHE A 113 16.86 -5.98 -17.28
CA PHE A 113 15.58 -6.62 -16.91
C PHE A 113 15.58 -8.08 -17.37
N VAL A 114 16.04 -8.30 -18.61
CA VAL A 114 16.05 -9.64 -19.26
C VAL A 114 17.12 -10.51 -18.60
N ARG A 115 18.35 -10.00 -18.50
CA ARG A 115 19.47 -10.71 -17.82
C ARG A 115 18.98 -11.19 -16.45
N ASP A 116 18.34 -10.30 -15.69
CA ASP A 116 17.89 -10.57 -14.30
C ASP A 116 16.79 -11.64 -14.30
N VAL A 117 15.88 -11.64 -15.29
CA VAL A 117 14.87 -12.73 -15.39
C VAL A 117 15.63 -14.05 -15.62
N LEU A 118 16.57 -14.08 -16.57
CA LEU A 118 17.34 -15.30 -16.93
C LEU A 118 18.17 -15.80 -15.74
N GLN A 119 18.81 -14.90 -14.98
CA GLN A 119 19.46 -15.28 -13.69
C GLN A 119 18.45 -16.05 -12.82
N HIS A 120 17.29 -15.45 -12.55
CA HIS A 120 16.29 -16.00 -11.61
C HIS A 120 15.77 -17.33 -12.15
N VAL A 121 15.58 -17.44 -13.47
CA VAL A 121 15.04 -18.67 -14.11
C VAL A 121 16.05 -19.81 -13.92
N ASP A 122 17.31 -19.58 -14.27
CA ASP A 122 18.39 -20.60 -14.16
C ASP A 122 18.51 -21.11 -12.72
N SER A 123 18.37 -20.24 -11.70
CA SER A 123 18.46 -20.64 -10.26
C SER A 123 17.32 -21.61 -9.92
N MET A 124 16.09 -21.31 -10.32
CA MET A 124 14.92 -22.17 -10.00
C MET A 124 15.01 -23.51 -10.73
N GLN A 125 15.59 -23.54 -11.94
CA GLN A 125 15.71 -24.77 -12.77
C GLN A 125 16.75 -25.71 -12.15
N LYS A 126 17.86 -25.16 -11.63
CA LYS A 126 18.88 -25.97 -10.90
C LYS A 126 18.16 -26.65 -9.72
N ASP A 127 17.31 -25.93 -8.98
CA ASP A 127 16.55 -26.44 -7.81
C ASP A 127 15.47 -27.45 -8.23
N TYR A 128 14.78 -27.23 -9.37
CA TYR A 128 13.67 -28.10 -9.85
C TYR A 128 13.97 -28.55 -11.27
N PRO A 129 15.01 -29.40 -11.46
CA PRO A 129 15.48 -29.78 -12.80
C PRO A 129 14.50 -30.67 -13.58
N GLY A 130 14.65 -30.70 -14.91
CA GLY A 130 13.82 -31.48 -15.83
C GLY A 130 12.35 -31.05 -15.84
N LEU A 131 12.04 -29.86 -15.32
CA LEU A 131 10.66 -29.29 -15.34
C LEU A 131 10.56 -28.27 -16.47
N PRO A 132 9.38 -28.14 -17.11
CA PRO A 132 9.14 -27.04 -18.05
C PRO A 132 9.01 -25.70 -17.30
N VAL A 133 9.45 -24.61 -17.94
CA VAL A 133 9.31 -23.24 -17.40
C VAL A 133 8.53 -22.39 -18.42
N PHE A 134 7.53 -21.68 -17.91
CA PHE A 134 6.67 -20.71 -18.65
C PHE A 134 7.02 -19.29 -18.22
N LEU A 135 6.58 -18.32 -19.01
CA LEU A 135 6.68 -16.89 -18.68
C LEU A 135 5.27 -16.31 -18.76
N LEU A 136 4.96 -15.41 -17.84
CA LEU A 136 3.76 -14.56 -17.92
C LEU A 136 4.24 -13.12 -17.76
N GLY A 137 3.90 -12.26 -18.72
CA GLY A 137 4.28 -10.85 -18.70
C GLY A 137 3.10 -9.97 -19.08
N HIS A 138 3.01 -8.81 -18.45
CA HIS A 138 2.04 -7.74 -18.82
C HIS A 138 2.84 -6.50 -19.21
N SER A 139 2.50 -5.88 -20.35
CA SER A 139 2.95 -4.53 -20.76
C SER A 139 4.49 -4.57 -20.90
N MET A 140 5.24 -3.73 -20.21
CA MET A 140 6.73 -3.76 -20.26
C MET A 140 7.21 -5.17 -19.91
N GLY A 141 6.49 -5.82 -18.99
CA GLY A 141 6.81 -7.18 -18.53
C GLY A 141 6.66 -8.20 -19.65
N GLY A 142 5.73 -7.94 -20.59
CA GLY A 142 5.53 -8.74 -21.81
C GLY A 142 6.69 -8.58 -22.76
N ALA A 143 7.14 -7.33 -22.95
CA ALA A 143 8.37 -7.02 -23.70
C ALA A 143 9.49 -7.87 -23.09
N ILE A 144 9.70 -7.82 -21.77
CA ILE A 144 10.79 -8.58 -21.09
C ILE A 144 10.61 -10.08 -21.33
N ALA A 145 9.39 -10.61 -21.22
CA ALA A 145 9.07 -12.05 -21.48
C ALA A 145 9.49 -12.44 -22.90
N ILE A 146 9.11 -11.64 -23.90
CA ILE A 146 9.42 -11.92 -25.32
C ILE A 146 10.95 -11.96 -25.50
N LEU A 147 11.66 -10.92 -25.06
CA LEU A 147 13.15 -10.84 -25.18
C LEU A 147 13.80 -11.99 -24.40
N THR A 148 13.25 -12.36 -23.25
CA THR A 148 13.74 -13.51 -22.45
C THR A 148 13.69 -14.77 -23.33
N ALA A 149 12.52 -15.11 -23.91
CA ALA A 149 12.31 -16.32 -24.76
C ALA A 149 13.16 -16.26 -26.04
N ALA A 150 13.36 -15.08 -26.62
CA ALA A 150 14.12 -14.88 -27.88
C ALA A 150 15.61 -15.21 -27.67
N GLU A 151 16.11 -15.11 -26.43
CA GLU A 151 17.54 -15.27 -26.09
C GLU A 151 17.81 -16.73 -25.69
N ARG A 152 16.76 -17.53 -25.41
CA ARG A 152 16.89 -18.99 -25.16
C ARG A 152 15.92 -19.72 -26.10
N PRO A 153 16.15 -19.66 -27.44
CA PRO A 153 15.19 -20.18 -28.40
C PRO A 153 14.99 -21.67 -28.11
N GLY A 154 13.75 -22.11 -27.99
CA GLY A 154 13.37 -23.52 -27.84
C GLY A 154 13.38 -23.97 -26.40
N HIS A 155 13.81 -23.13 -25.45
CA HIS A 155 13.95 -23.51 -24.02
C HIS A 155 12.61 -23.44 -23.28
N PHE A 156 11.83 -22.36 -23.45
CA PHE A 156 10.58 -22.11 -22.68
C PHE A 156 9.42 -22.90 -23.30
N ALA A 157 8.51 -23.40 -22.45
CA ALA A 157 7.39 -24.28 -22.83
C ALA A 157 6.20 -23.45 -23.34
N GLY A 158 6.15 -22.18 -22.94
CA GLY A 158 4.98 -21.33 -23.15
C GLY A 158 5.15 -19.94 -22.55
N MET A 159 4.39 -19.00 -23.08
CA MET A 159 4.46 -17.57 -22.74
C MET A 159 3.03 -17.02 -22.77
N VAL A 160 2.58 -16.48 -21.64
CA VAL A 160 1.29 -15.76 -21.51
C VAL A 160 1.58 -14.26 -21.57
N LEU A 161 1.05 -13.57 -22.58
CA LEU A 161 1.24 -12.11 -22.77
C LEU A 161 -0.09 -11.38 -22.59
N ILE A 162 -0.16 -10.51 -21.59
CA ILE A 162 -1.31 -9.60 -21.37
C ILE A 162 -0.91 -8.20 -21.83
N SER A 163 -1.55 -7.73 -22.89
CA SER A 163 -1.28 -6.42 -23.55
C SER A 163 0.21 -6.11 -23.49
N PRO A 164 1.07 -6.95 -24.12
CA PRO A 164 2.51 -6.72 -24.06
C PRO A 164 2.90 -5.46 -24.82
N LEU A 165 4.02 -4.86 -24.41
CA LEU A 165 4.66 -3.73 -25.10
C LEU A 165 5.41 -4.31 -26.30
N VAL A 166 4.96 -3.97 -27.51
CA VAL A 166 5.55 -4.49 -28.78
C VAL A 166 5.77 -3.34 -29.77
N LEU A 167 5.16 -2.18 -29.53
CA LEU A 167 4.90 -1.13 -30.54
C LEU A 167 4.88 0.24 -29.87
N ALA A 168 5.64 1.20 -30.40
CA ALA A 168 5.63 2.61 -29.95
C ALA A 168 4.41 3.29 -30.55
N ASN A 169 3.73 4.14 -29.77
CA ASN A 169 2.55 4.90 -30.22
C ASN A 169 2.93 5.77 -31.42
N PRO A 170 2.34 5.56 -32.62
CA PRO A 170 2.90 6.10 -33.87
C PRO A 170 2.92 7.65 -33.97
N GLU A 171 2.00 8.34 -33.31
CA GLU A 171 1.90 9.83 -33.31
C GLU A 171 3.15 10.44 -32.66
N SER A 172 3.66 9.79 -31.61
CA SER A 172 4.82 10.24 -30.78
C SER A 172 5.98 9.25 -30.89
N ALA A 173 6.25 8.72 -32.09
CA ALA A 173 7.42 7.88 -32.42
C ALA A 173 7.97 8.29 -33.79
N THR A 174 7.66 9.52 -34.21
CA THR A 174 8.12 10.13 -35.49
C THR A 174 9.65 10.21 -35.47
N THR A 175 10.29 10.16 -36.64
CA THR A 175 11.76 10.36 -36.79
C THR A 175 12.18 11.52 -35.88
N PHE A 176 11.44 12.65 -35.93
CA PHE A 176 11.74 13.92 -35.22
C PHE A 176 11.72 13.71 -33.70
N LYS A 177 10.63 13.13 -33.16
CA LYS A 177 10.37 13.05 -31.70
C LYS A 177 11.31 12.03 -31.07
N VAL A 178 11.89 11.11 -31.86
CA VAL A 178 12.93 10.15 -31.39
C VAL A 178 14.27 10.89 -31.30
N LEU A 179 14.73 11.48 -32.40
CA LEU A 179 15.99 12.28 -32.41
C LEU A 179 15.94 13.29 -31.26
N ALA A 180 14.85 14.06 -31.15
CA ALA A 180 14.59 15.04 -30.06
C ALA A 180 14.80 14.37 -28.70
N ALA A 181 14.21 13.19 -28.50
CA ALA A 181 14.32 12.43 -27.25
C ALA A 181 15.80 12.16 -26.96
N LYS A 182 16.52 11.61 -27.95
CA LYS A 182 17.96 11.29 -27.83
C LYS A 182 18.76 12.56 -27.47
N VAL A 183 18.47 13.69 -28.12
CA VAL A 183 19.18 14.98 -27.86
C VAL A 183 18.90 15.41 -26.41
N LEU A 184 17.66 15.24 -25.96
CA LEU A 184 17.27 15.59 -24.56
C LEU A 184 18.00 14.71 -23.56
N ASN A 185 18.07 13.42 -23.85
CA ASN A 185 18.69 12.40 -22.98
C ASN A 185 20.14 12.75 -22.67
N SER A 186 20.85 13.32 -23.66
CA SER A 186 22.31 13.64 -23.60
C SER A 186 22.57 14.85 -22.69
N VAL A 187 21.52 15.60 -22.34
CA VAL A 187 21.60 16.88 -21.56
C VAL A 187 20.85 16.73 -20.24
N LEU A 188 19.60 16.26 -20.30
CA LEU A 188 18.67 16.13 -19.14
C LEU A 188 18.04 14.75 -19.10
N PRO A 189 18.82 13.68 -18.80
CA PRO A 189 18.29 12.32 -18.82
C PRO A 189 17.12 12.12 -17.84
N ASN A 190 17.03 12.97 -16.80
CA ASN A 190 16.03 12.86 -15.70
C ASN A 190 14.82 13.77 -15.98
N LEU A 191 14.85 14.56 -17.05
CA LEU A 191 13.69 15.39 -17.49
C LEU A 191 12.49 14.46 -17.69
N SER A 192 11.33 14.82 -17.15
CA SER A 192 10.11 13.96 -17.22
C SER A 192 8.95 14.73 -17.85
N SER A 193 8.01 14.03 -18.49
CA SER A 193 6.66 14.55 -18.84
C SER A 193 5.76 14.43 -17.60
N GLY A 194 4.49 14.80 -17.72
CA GLY A 194 3.51 14.66 -16.63
C GLY A 194 3.32 13.19 -16.27
N PRO A 195 2.68 12.88 -15.12
CA PRO A 195 2.15 11.54 -14.89
C PRO A 195 1.12 11.17 -15.98
N ILE A 196 1.24 9.98 -16.57
CA ILE A 196 0.24 9.42 -17.53
C ILE A 196 -1.08 9.23 -16.78
N ASP A 197 -2.18 9.77 -17.34
CA ASP A 197 -3.57 9.62 -16.82
C ASP A 197 -3.83 8.14 -16.53
N SER A 198 -3.97 7.77 -15.25
CA SER A 198 -4.00 6.36 -14.79
C SER A 198 -5.41 5.78 -15.00
N SER A 199 -6.37 6.63 -15.36
CA SER A 199 -7.75 6.23 -15.74
C SER A 199 -7.77 5.30 -16.96
N VAL A 200 -6.72 5.36 -17.80
CA VAL A 200 -6.63 4.56 -19.06
C VAL A 200 -6.20 3.13 -18.73
N LEU A 201 -5.87 2.81 -17.48
CA LEU A 201 -5.34 1.46 -17.14
C LEU A 201 -6.50 0.45 -17.20
N SER A 202 -7.70 0.85 -16.79
CA SER A 202 -8.82 -0.07 -16.50
C SER A 202 -10.12 0.73 -16.39
N ARG A 203 -11.20 0.18 -16.92
CA ARG A 203 -12.57 0.75 -16.83
C ARG A 203 -13.06 0.55 -15.39
N ASN A 204 -12.48 -0.42 -14.68
CA ASN A 204 -12.78 -0.76 -13.27
C ASN A 204 -12.14 0.31 -12.37
N LYS A 205 -12.92 1.31 -11.96
CA LYS A 205 -12.44 2.53 -11.24
C LYS A 205 -11.87 2.18 -9.87
N THR A 206 -12.32 1.08 -9.26
CA THR A 206 -11.77 0.50 -8.02
C THR A 206 -10.28 0.20 -8.25
N GLU A 207 -9.96 -0.44 -9.37
CA GLU A 207 -8.59 -0.89 -9.71
C GLU A 207 -7.71 0.32 -10.06
N VAL A 208 -8.26 1.36 -10.67
CA VAL A 208 -7.53 2.65 -10.88
C VAL A 208 -7.25 3.26 -9.51
N ASP A 209 -8.18 3.11 -8.55
CA ASP A 209 -8.05 3.69 -7.19
C ASP A 209 -6.99 2.85 -6.42
N ILE A 210 -6.91 1.54 -6.67
CA ILE A 210 -5.97 0.63 -5.96
C ILE A 210 -4.57 0.96 -6.47
N TYR A 211 -4.44 1.18 -7.78
CA TYR A 211 -3.17 1.59 -8.42
C TYR A 211 -2.69 2.91 -7.78
N ASN A 212 -3.58 3.90 -7.69
CA ASN A 212 -3.27 5.28 -7.27
C ASN A 212 -2.94 5.34 -5.78
N SER A 213 -3.12 4.26 -5.02
CA SER A 213 -2.92 4.29 -3.54
C SER A 213 -1.98 3.16 -3.04
N ASP A 214 -1.35 2.43 -3.97
CA ASP A 214 -0.32 1.40 -3.65
C ASP A 214 1.00 2.12 -3.51
N PRO A 215 1.63 2.09 -2.32
CA PRO A 215 2.88 2.82 -2.09
C PRO A 215 4.06 2.29 -2.92
N LEU A 216 4.03 1.02 -3.32
CA LEU A 216 5.12 0.37 -4.10
C LEU A 216 5.05 0.70 -5.60
N ILE A 217 3.99 1.38 -6.06
CA ILE A 217 3.88 1.87 -7.48
C ILE A 217 4.56 3.23 -7.59
N CYS A 218 5.39 3.43 -8.62
CA CYS A 218 5.97 4.75 -9.00
C CYS A 218 5.05 5.40 -10.03
N ARG A 219 4.42 6.52 -9.66
CA ARG A 219 3.46 7.27 -10.51
C ARG A 219 4.09 8.57 -11.02
N ALA A 220 5.31 8.91 -10.54
CA ALA A 220 6.12 10.03 -11.07
C ALA A 220 6.12 9.94 -12.61
N GLY A 221 6.32 11.06 -13.29
CA GLY A 221 6.40 11.07 -14.76
C GLY A 221 7.58 10.24 -15.23
N LEU A 222 7.47 9.63 -16.41
CA LEU A 222 8.54 8.87 -17.10
C LEU A 222 9.68 9.82 -17.45
N LYS A 223 10.91 9.44 -17.12
CA LYS A 223 12.13 10.20 -17.49
C LYS A 223 12.55 9.79 -18.90
N VAL A 224 13.13 10.73 -19.64
CA VAL A 224 13.60 10.57 -21.04
C VAL A 224 14.54 9.36 -21.11
N CYS A 225 15.47 9.21 -20.15
CA CYS A 225 16.42 8.08 -20.17
C CYS A 225 15.62 6.78 -20.13
N PHE A 226 14.54 6.70 -19.36
CA PHE A 226 13.65 5.49 -19.30
C PHE A 226 12.80 5.40 -20.58
N GLY A 227 12.15 6.50 -20.98
CA GLY A 227 11.50 6.64 -22.29
C GLY A 227 12.31 6.00 -23.41
N ILE A 228 13.62 6.29 -23.46
CA ILE A 228 14.51 5.79 -24.56
C ILE A 228 14.71 4.28 -24.42
N GLN A 229 14.83 3.77 -23.19
CA GLN A 229 15.03 2.32 -22.93
C GLN A 229 13.76 1.54 -23.29
N LEU A 230 12.59 2.18 -23.20
CA LEU A 230 11.32 1.56 -23.65
C LEU A 230 11.28 1.49 -25.19
N LEU A 231 11.85 2.49 -25.87
CA LEU A 231 12.01 2.47 -27.35
C LEU A 231 13.04 1.42 -27.74
N ASN A 232 14.13 1.28 -26.97
CA ASN A 232 15.08 0.16 -27.19
C ASN A 232 14.32 -1.16 -27.14
N ALA A 233 13.47 -1.36 -26.12
CA ALA A 233 12.65 -2.57 -25.92
C ALA A 233 11.74 -2.81 -27.11
N VAL A 234 11.01 -1.79 -27.55
CA VAL A 234 10.11 -1.87 -28.74
C VAL A 234 10.91 -2.34 -29.96
N SER A 235 12.02 -1.65 -30.27
CA SER A 235 12.90 -1.98 -31.42
C SER A 235 13.34 -3.45 -31.34
N ARG A 236 13.82 -3.88 -30.17
CA ARG A 236 14.39 -5.25 -29.97
C ARG A 236 13.30 -6.32 -30.05
N VAL A 237 12.12 -6.04 -29.48
CA VAL A 237 10.96 -6.95 -29.54
C VAL A 237 10.61 -7.18 -31.03
N GLU A 238 10.47 -6.11 -31.81
CA GLU A 238 10.07 -6.17 -33.24
C GLU A 238 11.10 -6.97 -34.05
N ARG A 239 12.39 -6.75 -33.79
CA ARG A 239 13.49 -7.49 -34.47
C ARG A 239 13.52 -8.94 -33.99
N ALA A 240 13.00 -9.24 -32.79
CA ALA A 240 13.01 -10.62 -32.25
C ALA A 240 11.79 -11.42 -32.73
N LEU A 241 10.70 -10.76 -33.16
CA LEU A 241 9.39 -11.43 -33.44
C LEU A 241 9.54 -12.50 -34.52
N PRO A 242 10.19 -12.20 -35.68
CA PRO A 242 10.33 -13.18 -36.75
C PRO A 242 11.08 -14.47 -36.39
N LYS A 243 11.85 -14.52 -35.31
CA LYS A 243 12.69 -15.70 -34.96
C LYS A 243 12.12 -16.38 -33.71
N LEU A 244 10.99 -15.87 -33.19
CA LEU A 244 10.31 -16.37 -31.96
C LEU A 244 9.47 -17.61 -32.31
N THR A 245 9.66 -18.72 -31.60
CA THR A 245 9.00 -20.03 -31.88
C THR A 245 8.29 -20.56 -30.63
N VAL A 246 8.38 -19.87 -29.49
CA VAL A 246 7.75 -20.33 -28.21
C VAL A 246 6.23 -20.32 -28.34
N PRO A 247 5.51 -21.34 -27.83
CA PRO A 247 4.06 -21.26 -27.72
C PRO A 247 3.65 -19.99 -26.96
N PHE A 248 2.56 -19.35 -27.35
CA PHE A 248 2.07 -18.20 -26.57
C PHE A 248 0.56 -18.01 -26.68
N LEU A 249 -0.01 -17.58 -25.55
CA LEU A 249 -1.36 -17.00 -25.42
C LEU A 249 -1.23 -15.47 -25.34
N LEU A 250 -1.95 -14.76 -26.21
CA LEU A 250 -1.93 -13.28 -26.30
C LEU A 250 -3.35 -12.75 -26.03
N LEU A 251 -3.49 -11.95 -24.98
CA LEU A 251 -4.76 -11.31 -24.55
C LEU A 251 -4.60 -9.81 -24.69
N GLN A 252 -5.55 -9.16 -25.36
CA GLN A 252 -5.43 -7.73 -25.74
C GLN A 252 -6.82 -7.08 -25.70
N GLY A 253 -6.89 -5.87 -25.15
CA GLY A 253 -8.09 -5.02 -25.14
C GLY A 253 -8.16 -4.14 -26.39
N SER A 254 -9.36 -3.95 -26.98
CA SER A 254 -9.58 -3.18 -28.24
C SER A 254 -9.36 -1.67 -28.01
N ALA A 255 -9.64 -1.17 -26.79
CA ALA A 255 -9.60 0.27 -26.46
C ALA A 255 -8.44 0.54 -25.49
N ASP A 256 -7.29 -0.10 -25.74
CA ASP A 256 -6.05 0.05 -24.94
C ASP A 256 -5.31 1.26 -25.47
N ARG A 257 -5.16 2.31 -24.68
CA ARG A 257 -4.55 3.60 -25.10
C ARG A 257 -3.04 3.59 -24.82
N LEU A 258 -2.48 2.53 -24.22
CA LEU A 258 -1.03 2.46 -23.86
C LEU A 258 -0.31 1.48 -24.80
N CYS A 259 -0.84 0.28 -24.96
CA CYS A 259 -0.35 -0.72 -25.94
C CYS A 259 -1.50 -1.00 -26.93
N ASP A 260 -1.45 -0.30 -28.07
CA ASP A 260 -2.54 -0.29 -29.09
C ASP A 260 -2.76 -1.72 -29.54
N SER A 261 -4.02 -2.09 -29.78
CA SER A 261 -4.43 -3.43 -30.27
C SER A 261 -3.64 -3.81 -31.53
N LYS A 262 -3.23 -2.85 -32.37
CA LYS A 262 -2.42 -3.13 -33.60
C LYS A 262 -1.19 -3.99 -33.28
N GLY A 263 -0.50 -3.70 -32.17
CA GLY A 263 0.74 -4.40 -31.78
C GLY A 263 0.50 -5.89 -31.56
N ALA A 264 -0.66 -6.25 -31.01
CA ALA A 264 -1.06 -7.65 -30.76
C ALA A 264 -1.22 -8.35 -32.12
N TYR A 265 -1.87 -7.68 -33.07
CA TYR A 265 -2.04 -8.20 -34.46
C TYR A 265 -0.65 -8.40 -35.08
N LEU A 266 0.25 -7.44 -34.92
CA LEU A 266 1.62 -7.57 -35.48
C LEU A 266 2.31 -8.81 -34.91
N LEU A 267 2.15 -9.08 -33.62
CA LEU A 267 2.81 -10.23 -32.94
C LEU A 267 2.31 -11.52 -33.59
N MET A 268 1.00 -11.65 -33.77
CA MET A 268 0.39 -12.83 -34.45
C MET A 268 0.92 -12.96 -35.89
N GLU A 269 1.14 -11.86 -36.61
CA GLU A 269 1.64 -11.90 -38.01
C GLU A 269 3.09 -12.40 -38.05
N LEU A 270 3.99 -11.85 -37.22
CA LEU A 270 5.46 -11.98 -37.39
C LEU A 270 6.05 -13.17 -36.64
N ALA A 271 5.54 -13.51 -35.45
CA ALA A 271 6.01 -14.68 -34.68
C ALA A 271 5.92 -15.94 -35.55
N LYS A 272 6.91 -16.83 -35.50
CA LYS A 272 6.91 -18.10 -36.26
C LYS A 272 6.30 -19.23 -35.43
N SER A 273 6.00 -18.99 -34.14
CA SER A 273 5.42 -19.99 -33.21
C SER A 273 4.26 -20.74 -33.90
N GLN A 274 4.35 -22.08 -33.94
CA GLN A 274 3.29 -22.98 -34.44
C GLN A 274 2.06 -22.90 -33.52
N ASP A 275 2.23 -22.54 -32.25
CA ASP A 275 1.12 -22.57 -31.25
C ASP A 275 0.90 -21.16 -30.68
N LYS A 276 0.05 -20.34 -31.33
CA LYS A 276 -0.22 -18.92 -31.00
C LYS A 276 -1.73 -18.63 -31.07
N THR A 277 -2.27 -18.07 -29.98
CA THR A 277 -3.72 -17.79 -29.82
C THR A 277 -3.89 -16.35 -29.36
N LEU A 278 -4.72 -15.57 -30.08
CA LEU A 278 -5.11 -14.19 -29.70
C LEU A 278 -6.57 -14.20 -29.23
N LYS A 279 -6.84 -13.60 -28.07
CA LYS A 279 -8.21 -13.22 -27.63
C LYS A 279 -8.25 -11.69 -27.58
N ILE A 280 -9.22 -11.07 -28.26
CA ILE A 280 -9.52 -9.61 -28.12
C ILE A 280 -10.68 -9.43 -27.16
N TYR A 281 -10.56 -8.49 -26.23
CA TYR A 281 -11.62 -8.06 -25.30
C TYR A 281 -12.14 -6.71 -25.79
N GLU A 282 -13.33 -6.72 -26.40
CA GLU A 282 -13.90 -5.55 -27.09
C GLU A 282 -14.29 -4.49 -26.04
N GLY A 283 -13.68 -3.31 -26.15
CA GLY A 283 -13.96 -2.17 -25.24
C GLY A 283 -13.08 -2.13 -23.99
N ALA A 284 -12.25 -3.15 -23.74
CA ALA A 284 -11.34 -3.25 -22.57
C ALA A 284 -10.13 -2.31 -22.68
N TYR A 285 -9.64 -1.84 -21.55
CA TYR A 285 -8.42 -0.99 -21.46
C TYR A 285 -7.20 -1.90 -21.31
N HIS A 286 -6.17 -1.43 -20.62
CA HIS A 286 -4.81 -2.02 -20.69
C HIS A 286 -4.68 -3.19 -19.73
N VAL A 287 -5.15 -3.07 -18.48
CA VAL A 287 -4.82 -4.07 -17.41
C VAL A 287 -5.98 -5.07 -17.35
N LEU A 288 -5.94 -6.05 -18.27
CA LEU A 288 -7.09 -6.96 -18.52
C LEU A 288 -7.31 -7.78 -17.26
N HIS A 289 -6.24 -8.11 -16.53
CA HIS A 289 -6.36 -8.94 -15.32
C HIS A 289 -6.89 -8.11 -14.15
N LYS A 290 -7.14 -6.82 -14.34
CA LYS A 290 -7.73 -5.93 -13.31
C LYS A 290 -8.80 -5.07 -13.98
N GLU A 291 -9.52 -5.67 -14.93
CA GLU A 291 -10.52 -4.95 -15.74
C GLU A 291 -11.89 -5.17 -15.10
N LEU A 292 -12.97 -4.86 -15.82
CA LEU A 292 -14.36 -5.17 -15.42
C LEU A 292 -14.44 -6.67 -15.13
N PRO A 293 -15.18 -7.09 -14.10
CA PRO A 293 -15.25 -8.51 -13.72
C PRO A 293 -15.52 -9.50 -14.87
N GLU A 294 -16.36 -9.14 -15.85
CA GLU A 294 -16.68 -9.99 -17.04
C GLU A 294 -15.37 -10.32 -17.76
N VAL A 295 -14.51 -9.32 -17.94
CA VAL A 295 -13.21 -9.45 -18.65
C VAL A 295 -12.21 -10.18 -17.73
N THR A 296 -12.04 -9.71 -16.50
CA THR A 296 -11.04 -10.27 -15.55
C THR A 296 -11.30 -11.78 -15.41
N ASN A 297 -12.56 -12.19 -15.27
CA ASN A 297 -12.91 -13.62 -15.04
C ASN A 297 -12.56 -14.42 -16.29
N SER A 298 -12.85 -13.89 -17.47
CA SER A 298 -12.50 -14.56 -18.75
C SER A 298 -10.99 -14.65 -18.84
N VAL A 299 -10.28 -13.58 -18.47
CA VAL A 299 -8.80 -13.56 -18.53
C VAL A 299 -8.24 -14.68 -17.64
N PHE A 300 -8.69 -14.79 -16.40
CA PHE A 300 -8.17 -15.81 -15.44
C PHE A 300 -8.51 -17.20 -16.00
N HIS A 301 -9.75 -17.36 -16.49
CA HIS A 301 -10.26 -18.66 -17.04
C HIS A 301 -9.41 -19.12 -18.23
N GLU A 302 -9.10 -18.22 -19.16
CA GLU A 302 -8.33 -18.54 -20.39
C GLU A 302 -6.87 -18.83 -20.03
N ILE A 303 -6.27 -18.09 -19.09
CA ILE A 303 -4.88 -18.38 -18.67
C ILE A 303 -4.90 -19.78 -18.03
N ASN A 304 -5.85 -20.04 -17.15
CA ASN A 304 -6.06 -21.36 -16.48
C ASN A 304 -6.09 -22.47 -17.57
N MET A 305 -7.06 -22.41 -18.49
CA MET A 305 -7.29 -23.42 -19.57
C MET A 305 -6.01 -23.60 -20.40
N TRP A 306 -5.41 -22.52 -20.88
CA TRP A 306 -4.23 -22.58 -21.77
C TRP A 306 -3.02 -23.22 -21.05
N VAL A 307 -2.77 -22.87 -19.78
CA VAL A 307 -1.66 -23.46 -18.98
C VAL A 307 -2.00 -24.91 -18.61
N SER A 308 -3.22 -25.22 -18.14
CA SER A 308 -3.71 -26.60 -17.83
C SER A 308 -3.38 -27.57 -18.98
N GLN A 309 -3.81 -27.25 -20.19
CA GLN A 309 -3.66 -28.12 -21.39
C GLN A 309 -2.18 -28.36 -21.71
N ARG A 310 -1.32 -27.36 -21.47
CA ARG A 310 0.12 -27.44 -21.86
C ARG A 310 0.98 -27.96 -20.70
N THR A 311 0.35 -28.34 -19.58
CA THR A 311 1.00 -29.08 -18.45
C THR A 311 0.36 -30.46 -18.32
N SER B 22 -19.83 -0.03 -13.72
CA SER B 22 -20.15 -0.04 -12.25
C SER B 22 -20.31 1.40 -11.71
N SER B 23 -21.31 1.63 -10.82
CA SER B 23 -21.69 2.96 -10.27
C SER B 23 -20.69 3.37 -9.19
N PRO B 24 -20.24 4.66 -9.19
CA PRO B 24 -19.17 5.10 -8.28
C PRO B 24 -19.40 4.76 -6.80
N ARG B 25 -18.36 4.24 -6.15
CA ARG B 25 -18.32 3.99 -4.69
C ARG B 25 -18.57 5.31 -3.95
N ARG B 26 -19.40 5.23 -2.90
CA ARG B 26 -19.82 6.37 -2.05
C ARG B 26 -19.42 6.10 -0.58
N THR B 27 -19.15 7.17 0.15
CA THR B 27 -19.01 7.14 1.63
C THR B 27 -20.31 6.58 2.19
N PRO B 28 -20.34 6.14 3.47
CA PRO B 28 -21.59 5.72 4.11
C PRO B 28 -22.63 6.85 4.23
N GLN B 29 -22.21 8.11 4.02
CA GLN B 29 -23.06 9.33 4.01
C GLN B 29 -23.36 9.74 2.56
N SER B 30 -23.10 8.83 1.59
CA SER B 30 -23.51 8.92 0.15
C SER B 30 -22.69 9.93 -0.65
N ILE B 31 -21.50 10.36 -0.23
CA ILE B 31 -20.64 11.21 -1.12
C ILE B 31 -19.74 10.30 -1.94
N PRO B 32 -19.62 10.53 -3.26
CA PRO B 32 -18.76 9.70 -4.11
C PRO B 32 -17.27 9.91 -3.79
N TYR B 33 -16.53 8.83 -3.58
CA TYR B 33 -15.09 8.88 -3.19
C TYR B 33 -14.31 9.63 -4.27
N GLN B 34 -14.82 9.62 -5.49
CA GLN B 34 -14.29 10.35 -6.67
C GLN B 34 -14.17 11.84 -6.35
N ASP B 35 -15.01 12.35 -5.43
CA ASP B 35 -15.10 13.80 -5.08
C ASP B 35 -14.20 14.17 -3.89
N LEU B 36 -13.68 13.18 -3.15
CA LEU B 36 -12.93 13.36 -1.87
C LEU B 36 -11.52 12.77 -1.99
N PRO B 37 -10.51 13.33 -1.28
CA PRO B 37 -9.23 12.63 -1.13
C PRO B 37 -9.48 11.26 -0.47
N HIS B 38 -8.87 10.20 -0.99
CA HIS B 38 -9.09 8.81 -0.52
C HIS B 38 -7.89 7.91 -0.83
N LEU B 39 -7.91 6.71 -0.27
CA LEU B 39 -7.03 5.61 -0.70
C LEU B 39 -7.82 4.31 -0.60
N VAL B 40 -7.31 3.23 -1.18
CA VAL B 40 -7.94 1.90 -1.02
C VAL B 40 -7.01 1.01 -0.22
N ASN B 41 -7.51 0.38 0.83
CA ASN B 41 -6.68 -0.45 1.74
C ASN B 41 -6.53 -1.85 1.13
N ALA B 42 -5.80 -2.73 1.84
CA ALA B 42 -5.40 -4.05 1.31
C ALA B 42 -6.62 -4.95 1.18
N ASP B 43 -7.65 -4.74 1.99
CA ASP B 43 -8.91 -5.52 1.99
C ASP B 43 -9.88 -4.94 0.96
N GLY B 44 -9.46 -3.97 0.14
CA GLY B 44 -10.28 -3.40 -0.94
C GLY B 44 -11.30 -2.36 -0.47
N GLN B 45 -11.10 -1.80 0.74
CA GLN B 45 -12.02 -0.82 1.37
C GLN B 45 -11.50 0.60 1.14
N TYR B 46 -12.38 1.54 0.80
CA TYR B 46 -12.04 2.96 0.57
C TYR B 46 -11.89 3.63 1.95
N LEU B 47 -10.78 4.31 2.20
CA LEU B 47 -10.59 5.17 3.40
C LEU B 47 -10.59 6.64 2.97
N PHE B 48 -11.38 7.45 3.65
CA PHE B 48 -11.37 8.92 3.46
C PHE B 48 -10.08 9.48 4.07
N CYS B 49 -9.43 10.39 3.33
CA CYS B 49 -8.13 11.04 3.66
C CYS B 49 -8.32 12.55 3.76
N ARG B 50 -7.51 13.18 4.61
CA ARG B 50 -7.45 14.63 4.89
C ARG B 50 -5.97 15.02 4.90
N TYR B 51 -5.66 16.15 4.28
CA TYR B 51 -4.30 16.73 4.21
C TYR B 51 -4.41 18.21 4.58
N TRP B 52 -3.41 18.66 5.33
CA TRP B 52 -3.14 20.10 5.57
C TRP B 52 -1.68 20.34 5.19
N ALA B 53 -1.44 20.81 3.97
CA ALA B 53 -0.09 21.05 3.38
C ALA B 53 0.26 22.52 3.60
N PRO B 54 1.50 22.82 4.04
CA PRO B 54 1.94 24.21 4.18
C PRO B 54 2.26 24.73 2.77
N THR B 55 2.47 26.03 2.63
CA THR B 55 2.73 26.71 1.32
C THR B 55 4.11 26.29 0.80
N GLY B 56 5.12 26.29 1.68
CA GLY B 56 6.52 26.01 1.30
C GLY B 56 6.80 24.52 1.23
N THR B 57 8.09 24.15 1.23
CA THR B 57 8.57 22.75 1.37
C THR B 57 8.35 22.32 2.82
N PRO B 58 7.70 21.17 3.08
CA PRO B 58 7.52 20.70 4.44
C PRO B 58 8.85 20.28 5.09
N LYS B 59 8.98 20.53 6.40
CA LYS B 59 10.12 20.12 7.26
C LYS B 59 9.98 18.65 7.68
N ALA B 60 8.76 18.17 7.84
CA ALA B 60 8.47 16.79 8.29
C ALA B 60 7.05 16.40 7.87
N LEU B 61 6.77 15.11 8.02
CA LEU B 61 5.41 14.52 7.87
C LEU B 61 4.88 14.16 9.25
N ILE B 62 3.58 14.35 9.48
CA ILE B 62 2.94 13.84 10.72
C ILE B 62 1.58 13.26 10.36
N PHE B 63 1.37 11.99 10.70
CA PHE B 63 0.05 11.30 10.59
C PHE B 63 -0.71 11.49 11.91
N VAL B 64 -1.97 11.89 11.80
CA VAL B 64 -2.91 12.06 12.94
C VAL B 64 -3.88 10.88 12.94
N SER B 65 -3.96 10.20 14.08
CA SER B 65 -4.63 8.91 14.30
C SER B 65 -5.73 9.12 15.33
N HIS B 66 -6.97 9.23 14.87
CA HIS B 66 -8.17 9.45 15.70
C HIS B 66 -8.52 8.16 16.43
N GLY B 67 -9.43 8.26 17.41
CA GLY B 67 -9.81 7.15 18.29
C GLY B 67 -11.17 6.55 17.96
N ALA B 68 -11.63 5.61 18.79
CA ALA B 68 -12.91 4.86 18.62
C ALA B 68 -14.12 5.79 18.51
N GLY B 69 -15.06 5.49 17.61
CA GLY B 69 -16.30 6.25 17.39
C GLY B 69 -16.10 7.54 16.61
N GLU B 70 -14.91 8.16 16.62
CA GLU B 70 -14.75 9.52 16.05
C GLU B 70 -14.17 9.43 14.64
N HIS B 71 -13.58 10.54 14.14
CA HIS B 71 -13.05 10.66 12.76
C HIS B 71 -11.95 11.73 12.67
N SER B 72 -11.23 11.78 11.55
CA SER B 72 -10.11 12.71 11.26
C SER B 72 -10.51 14.19 11.41
N GLY B 73 -11.78 14.54 11.16
CA GLY B 73 -12.24 15.94 11.10
C GLY B 73 -12.13 16.64 12.44
N ARG B 74 -12.13 15.84 13.51
CA ARG B 74 -11.99 16.29 14.91
C ARG B 74 -10.61 16.87 15.20
N TYR B 75 -9.64 16.74 14.29
CA TYR B 75 -8.23 17.16 14.52
C TYR B 75 -7.91 18.38 13.65
N GLU B 76 -8.95 19.05 13.17
CA GLU B 76 -8.84 20.24 12.28
C GLU B 76 -7.90 21.28 12.93
N GLU B 77 -8.17 21.71 14.16
CA GLU B 77 -7.47 22.87 14.77
C GLU B 77 -6.00 22.47 15.06
N LEU B 78 -5.85 21.36 15.75
CA LEU B 78 -4.56 20.72 16.05
C LEU B 78 -3.80 20.51 14.74
N ALA B 79 -4.45 20.11 13.64
CA ALA B 79 -3.77 19.89 12.35
C ALA B 79 -3.32 21.23 11.76
N ARG B 80 -4.14 22.28 11.86
CA ARG B 80 -3.84 23.62 11.29
C ARG B 80 -2.63 24.24 12.02
N MET B 81 -2.52 24.02 13.33
CA MET B 81 -1.39 24.49 14.18
C MET B 81 -0.11 23.79 13.75
N LEU B 82 -0.14 22.46 13.50
CA LEU B 82 1.06 21.67 13.09
C LEU B 82 1.50 22.08 11.68
N MET B 83 0.54 22.30 10.78
CA MET B 83 0.78 22.82 9.41
C MET B 83 1.49 24.18 9.49
N GLY B 84 1.06 25.03 10.44
CA GLY B 84 1.66 26.34 10.76
C GLY B 84 3.15 26.24 11.11
N LEU B 85 3.63 25.09 11.59
CA LEU B 85 5.06 24.83 11.88
C LEU B 85 5.76 24.24 10.64
N ASP B 86 5.13 24.34 9.46
CA ASP B 86 5.65 23.83 8.17
C ASP B 86 5.79 22.29 8.20
N LEU B 87 4.92 21.58 8.92
CA LEU B 87 4.76 20.11 8.75
C LEU B 87 3.61 19.81 7.79
N LEU B 88 3.78 18.84 6.90
CA LEU B 88 2.67 18.26 6.09
C LEU B 88 1.89 17.30 7.00
N VAL B 89 0.68 17.68 7.39
CA VAL B 89 -0.21 16.86 8.25
C VAL B 89 -1.12 16.05 7.32
N PHE B 90 -1.23 14.75 7.55
CA PHE B 90 -2.15 13.87 6.80
C PHE B 90 -2.88 12.95 7.78
N ALA B 91 -4.08 12.52 7.40
CA ALA B 91 -4.90 11.60 8.22
C ALA B 91 -5.82 10.78 7.31
N HIS B 92 -6.39 9.72 7.88
CA HIS B 92 -7.57 9.04 7.27
C HIS B 92 -8.51 8.60 8.38
N ASP B 93 -9.75 8.34 8.01
CA ASP B 93 -10.73 7.70 8.90
C ASP B 93 -10.40 6.22 8.91
N HIS B 94 -10.21 5.65 10.09
CA HIS B 94 -9.94 4.20 10.26
C HIS B 94 -11.14 3.48 9.64
N VAL B 95 -10.92 2.24 9.21
CA VAL B 95 -12.02 1.34 8.78
C VAL B 95 -13.15 1.46 9.80
N GLY B 96 -14.39 1.58 9.32
CA GLY B 96 -15.60 1.53 10.16
C GLY B 96 -15.83 2.81 10.94
N HIS B 97 -15.22 3.93 10.51
CA HIS B 97 -15.35 5.28 11.14
C HIS B 97 -15.55 6.34 10.06
N GLY B 98 -16.16 7.46 10.46
CA GLY B 98 -16.24 8.66 9.61
C GLY B 98 -16.67 8.32 8.21
N GLN B 99 -15.95 8.82 7.21
CA GLN B 99 -16.33 8.78 5.78
C GLN B 99 -15.67 7.57 5.10
N SER B 100 -15.08 6.67 5.88
CA SER B 100 -14.45 5.42 5.36
C SER B 100 -15.52 4.33 5.35
N GLU B 101 -15.26 3.27 4.61
CA GLU B 101 -16.18 2.09 4.52
C GLU B 101 -16.00 1.22 5.77
N GLY B 102 -16.94 0.29 5.94
CA GLY B 102 -16.92 -0.84 6.88
C GLY B 102 -18.06 -0.71 7.86
N GLU B 103 -18.59 -1.82 8.38
CA GLU B 103 -19.60 -1.76 9.47
C GLU B 103 -19.02 -0.87 10.58
N ARG B 104 -19.88 -0.07 11.24
CA ARG B 104 -19.50 0.97 12.21
C ARG B 104 -18.78 0.31 13.40
N MET B 105 -17.55 0.72 13.70
CA MET B 105 -16.86 0.32 14.97
C MET B 105 -16.82 -1.20 15.10
N VAL B 106 -16.53 -1.91 14.01
CA VAL B 106 -16.06 -3.33 14.03
C VAL B 106 -14.81 -3.41 13.15
N VAL B 107 -13.99 -4.43 13.37
CA VAL B 107 -12.79 -4.66 12.51
C VAL B 107 -12.39 -6.14 12.67
N SER B 108 -11.98 -6.76 11.57
CA SER B 108 -11.65 -8.21 11.53
C SER B 108 -10.53 -8.48 12.53
N ASP B 109 -9.52 -7.63 12.58
CA ASP B 109 -8.45 -7.68 13.62
C ASP B 109 -7.88 -6.27 13.78
N PHE B 110 -7.52 -5.91 15.03
CA PHE B 110 -6.99 -4.57 15.38
C PHE B 110 -5.85 -4.18 14.43
N HIS B 111 -5.09 -5.15 13.93
CA HIS B 111 -3.88 -4.89 13.10
C HIS B 111 -4.24 -4.17 11.80
N VAL B 112 -5.46 -4.32 11.29
CA VAL B 112 -5.94 -3.62 10.07
C VAL B 112 -5.65 -2.12 10.19
N PHE B 113 -5.99 -1.53 11.33
CA PHE B 113 -5.83 -0.08 11.62
C PHE B 113 -4.36 0.30 11.41
N VAL B 114 -3.47 -0.54 11.93
CA VAL B 114 -1.99 -0.31 11.96
C VAL B 114 -1.46 -0.48 10.54
N ARG B 115 -1.89 -1.55 9.88
CA ARG B 115 -1.52 -1.82 8.47
C ARG B 115 -1.95 -0.63 7.62
N ASP B 116 -3.15 -0.10 7.84
CA ASP B 116 -3.72 1.00 7.02
C ASP B 116 -2.91 2.29 7.28
N VAL B 117 -2.51 2.55 8.52
CA VAL B 117 -1.60 3.70 8.82
C VAL B 117 -0.29 3.54 8.05
N LEU B 118 0.35 2.37 8.10
CA LEU B 118 1.64 2.10 7.39
C LEU B 118 1.47 2.28 5.88
N GLN B 119 0.37 1.83 5.31
CA GLN B 119 0.16 2.03 3.84
C GLN B 119 0.17 3.53 3.53
N HIS B 120 -0.56 4.32 4.30
CA HIS B 120 -0.70 5.79 4.08
C HIS B 120 0.66 6.46 4.32
N VAL B 121 1.33 6.09 5.41
CA VAL B 121 2.69 6.60 5.73
C VAL B 121 3.63 6.29 4.55
N ASP B 122 3.66 5.05 4.07
CA ASP B 122 4.60 4.62 2.99
C ASP B 122 4.32 5.42 1.71
N SER B 123 3.03 5.69 1.42
CA SER B 123 2.65 6.49 0.22
C SER B 123 3.24 7.89 0.37
N MET B 124 3.03 8.54 1.51
CA MET B 124 3.44 9.95 1.72
C MET B 124 4.96 10.08 1.69
N GLN B 125 5.69 9.08 2.20
CA GLN B 125 7.18 9.07 2.23
C GLN B 125 7.72 8.93 0.81
N LYS B 126 7.09 8.10 -0.01
CA LYS B 126 7.41 8.00 -1.46
C LYS B 126 7.29 9.39 -2.11
N ASP B 127 6.24 10.17 -1.82
CA ASP B 127 5.96 11.44 -2.52
C ASP B 127 6.84 12.56 -1.94
N TYR B 128 7.34 12.40 -0.71
CA TYR B 128 8.18 13.39 0.02
C TYR B 128 9.34 12.64 0.66
N PRO B 129 10.29 12.11 -0.15
CA PRO B 129 11.38 11.30 0.40
C PRO B 129 12.32 12.22 1.19
N GLY B 130 13.11 11.62 2.09
CA GLY B 130 14.06 12.34 2.94
C GLY B 130 13.43 12.99 4.17
N LEU B 131 12.10 12.97 4.30
CA LEU B 131 11.43 13.72 5.40
C LEU B 131 11.25 12.82 6.60
N PRO B 132 11.53 13.31 7.83
CA PRO B 132 11.17 12.57 9.04
C PRO B 132 9.65 12.52 9.21
N VAL B 133 9.15 11.44 9.78
CA VAL B 133 7.69 11.24 9.94
C VAL B 133 7.35 11.08 11.42
N PHE B 134 6.43 11.90 11.91
CA PHE B 134 5.85 11.80 13.26
C PHE B 134 4.45 11.15 13.22
N LEU B 135 4.02 10.66 14.39
CA LEU B 135 2.68 10.12 14.67
C LEU B 135 2.07 10.93 15.80
N LEU B 136 0.80 11.34 15.65
CA LEU B 136 0.00 11.88 16.77
C LEU B 136 -1.26 11.03 16.86
N GLY B 137 -1.55 10.52 18.06
CA GLY B 137 -2.74 9.71 18.32
C GLY B 137 -3.34 10.04 19.68
N HIS B 138 -4.65 9.88 19.76
CA HIS B 138 -5.45 10.03 20.99
C HIS B 138 -6.22 8.74 21.24
N SER B 139 -6.28 8.30 22.49
CA SER B 139 -7.13 7.18 22.94
C SER B 139 -6.80 5.96 22.07
N MET B 140 -7.77 5.39 21.36
CA MET B 140 -7.55 4.19 20.50
C MET B 140 -6.48 4.54 19.47
N GLY B 141 -6.51 5.77 18.95
CA GLY B 141 -5.55 6.28 17.94
C GLY B 141 -4.13 6.31 18.50
N GLY B 142 -4.01 6.47 19.82
CA GLY B 142 -2.76 6.34 20.57
C GLY B 142 -2.22 4.93 20.57
N ALA B 143 -3.06 3.93 20.87
CA ALA B 143 -2.73 2.49 20.77
C ALA B 143 -2.22 2.19 19.35
N ILE B 144 -2.89 2.72 18.35
CA ILE B 144 -2.52 2.49 16.93
C ILE B 144 -1.14 3.10 16.68
N ALA B 145 -0.93 4.36 17.09
CA ALA B 145 0.37 5.06 16.96
C ALA B 145 1.47 4.19 17.59
N ILE B 146 1.28 3.75 18.82
CA ILE B 146 2.30 2.92 19.53
C ILE B 146 2.62 1.67 18.70
N LEU B 147 1.61 0.95 18.24
CA LEU B 147 1.85 -0.35 17.53
C LEU B 147 2.49 -0.09 16.15
N THR B 148 2.17 1.03 15.51
CA THR B 148 2.77 1.44 14.21
C THR B 148 4.28 1.64 14.44
N ALA B 149 4.66 2.38 15.47
CA ALA B 149 6.08 2.65 15.80
C ALA B 149 6.81 1.33 16.10
N ALA B 150 6.21 0.43 16.90
CA ALA B 150 6.85 -0.83 17.34
C ALA B 150 7.02 -1.76 16.14
N GLU B 151 6.16 -1.64 15.14
CA GLU B 151 6.27 -2.48 13.92
C GLU B 151 7.42 -2.01 13.01
N ARG B 152 7.81 -0.73 13.07
CA ARG B 152 8.97 -0.21 12.29
C ARG B 152 9.96 0.43 13.26
N PRO B 153 10.67 -0.36 14.09
CA PRO B 153 11.54 0.19 15.13
C PRO B 153 12.58 1.13 14.54
N GLY B 154 12.73 2.32 15.14
CA GLY B 154 13.72 3.32 14.74
C GLY B 154 13.31 4.11 13.50
N HIS B 155 12.12 3.89 12.96
CA HIS B 155 11.71 4.57 11.70
C HIS B 155 11.09 5.94 12.01
N PHE B 156 10.26 6.05 13.06
CA PHE B 156 9.50 7.30 13.32
C PHE B 156 10.39 8.26 14.10
N ALA B 157 10.34 9.52 13.69
CA ALA B 157 11.08 10.63 14.31
C ALA B 157 10.52 10.86 15.72
N GLY B 158 9.20 10.74 15.89
CA GLY B 158 8.56 11.01 17.19
C GLY B 158 7.07 10.71 17.20
N MET B 159 6.49 10.72 18.40
CA MET B 159 5.08 10.31 18.66
C MET B 159 4.51 11.27 19.69
N VAL B 160 3.39 11.92 19.38
CA VAL B 160 2.61 12.73 20.36
C VAL B 160 1.39 11.91 20.77
N LEU B 161 1.28 11.58 22.05
CA LEU B 161 0.22 10.70 22.59
C LEU B 161 -0.66 11.49 23.53
N ILE B 162 -1.91 11.66 23.12
CA ILE B 162 -2.96 12.31 23.96
C ILE B 162 -3.80 11.20 24.59
N SER B 163 -3.60 10.93 25.88
CA SER B 163 -4.34 9.92 26.66
C SER B 163 -4.49 8.67 25.78
N PRO B 164 -3.37 8.01 25.44
CA PRO B 164 -3.42 6.79 24.63
C PRO B 164 -4.03 5.62 25.43
N LEU B 165 -4.70 4.72 24.70
CA LEU B 165 -5.22 3.47 25.27
C LEU B 165 -4.03 2.54 25.48
N VAL B 166 -3.65 2.27 26.72
CA VAL B 166 -2.47 1.41 27.04
C VAL B 166 -2.90 0.35 28.06
N LEU B 167 -3.97 0.62 28.80
CA LEU B 167 -4.41 -0.17 29.97
C LEU B 167 -5.90 -0.46 29.83
N ALA B 168 -6.27 -1.72 30.04
CA ALA B 168 -7.66 -2.17 30.21
C ALA B 168 -8.13 -1.73 31.60
N ASN B 169 -9.33 -1.15 31.69
CA ASN B 169 -9.98 -0.78 32.97
C ASN B 169 -10.30 -2.04 33.77
N PRO B 170 -9.91 -2.14 35.05
CA PRO B 170 -10.07 -3.38 35.81
C PRO B 170 -11.53 -3.69 36.22
N GLU B 171 -12.46 -2.74 36.03
CA GLU B 171 -13.90 -2.83 36.40
C GLU B 171 -14.78 -3.11 35.17
N SER B 172 -14.24 -2.98 33.95
CA SER B 172 -14.90 -3.41 32.69
C SER B 172 -14.26 -4.70 32.16
N ALA B 173 -12.92 -4.76 32.13
CA ALA B 173 -12.11 -5.98 31.88
C ALA B 173 -11.91 -6.74 33.19
N THR B 174 -13.02 -7.11 33.85
CA THR B 174 -13.05 -8.09 34.96
C THR B 174 -12.88 -9.47 34.33
N THR B 175 -12.03 -10.32 34.93
CA THR B 175 -11.69 -11.68 34.42
C THR B 175 -12.96 -12.42 33.94
N PHE B 176 -14.11 -12.19 34.59
CA PHE B 176 -15.43 -12.80 34.26
C PHE B 176 -16.01 -12.15 32.99
N LYS B 177 -16.17 -10.81 33.01
CA LYS B 177 -16.62 -10.00 31.85
C LYS B 177 -15.72 -10.28 30.64
N VAL B 178 -14.40 -10.42 30.86
CA VAL B 178 -13.37 -10.80 29.83
C VAL B 178 -13.73 -12.19 29.26
N LEU B 179 -13.91 -13.19 30.13
CA LEU B 179 -14.20 -14.59 29.74
C LEU B 179 -15.55 -14.63 29.01
N ALA B 180 -16.57 -13.98 29.58
CA ALA B 180 -17.97 -13.95 29.07
C ALA B 180 -17.98 -13.43 27.63
N ALA B 181 -17.10 -12.46 27.34
CA ALA B 181 -16.94 -11.85 26.01
C ALA B 181 -16.51 -12.93 25.01
N LYS B 182 -15.37 -13.59 25.29
CA LYS B 182 -14.75 -14.64 24.45
C LYS B 182 -15.79 -15.71 24.11
N VAL B 183 -16.58 -16.15 25.10
CA VAL B 183 -17.70 -17.12 24.94
C VAL B 183 -18.73 -16.53 23.97
N LEU B 184 -19.07 -15.24 24.15
CA LEU B 184 -20.15 -14.57 23.37
C LEU B 184 -19.67 -14.22 21.96
N ASN B 185 -18.35 -14.05 21.75
CA ASN B 185 -17.75 -13.64 20.44
C ASN B 185 -17.95 -14.73 19.39
N SER B 186 -17.83 -16.02 19.76
CA SER B 186 -18.05 -17.18 18.86
C SER B 186 -19.55 -17.38 18.59
N VAL B 187 -20.42 -16.98 19.52
CA VAL B 187 -21.89 -17.18 19.45
C VAL B 187 -22.53 -15.89 18.91
N LEU B 188 -22.62 -14.82 19.73
CA LEU B 188 -23.26 -13.52 19.37
C LEU B 188 -22.28 -12.37 19.61
N PRO B 189 -21.42 -12.03 18.62
CA PRO B 189 -20.47 -10.92 18.74
C PRO B 189 -21.03 -9.49 18.47
N ASN B 190 -22.23 -9.39 17.89
CA ASN B 190 -22.89 -8.09 17.53
C ASN B 190 -23.81 -7.62 18.67
N LEU B 191 -23.80 -8.30 19.82
CA LEU B 191 -24.36 -7.71 21.07
C LEU B 191 -23.41 -6.61 21.52
N SER B 192 -23.93 -5.62 22.24
CA SER B 192 -23.17 -4.41 22.65
C SER B 192 -23.38 -4.14 24.14
N SER B 193 -22.30 -3.70 24.80
CA SER B 193 -22.31 -3.00 26.11
C SER B 193 -22.72 -1.53 25.87
N GLY B 194 -22.73 -0.70 26.91
CA GLY B 194 -23.07 0.73 26.80
C GLY B 194 -22.22 1.46 25.74
N PRO B 195 -22.71 2.61 25.23
CA PRO B 195 -21.88 3.45 24.36
C PRO B 195 -20.82 4.17 25.19
N ILE B 196 -19.84 4.80 24.53
CA ILE B 196 -18.88 5.68 25.24
C ILE B 196 -19.70 6.76 25.95
N ASP B 197 -19.60 6.84 27.27
CA ASP B 197 -20.34 7.84 28.11
C ASP B 197 -19.79 9.23 27.81
N SER B 198 -20.52 10.08 27.08
CA SER B 198 -20.03 11.39 26.57
C SER B 198 -19.76 12.38 27.71
N SER B 199 -20.38 12.19 28.88
CA SER B 199 -20.20 13.09 30.07
C SER B 199 -18.77 12.98 30.61
N VAL B 200 -18.07 11.86 30.40
CA VAL B 200 -16.69 11.65 30.94
C VAL B 200 -15.63 12.06 29.91
N LEU B 201 -16.04 12.60 28.74
CA LEU B 201 -15.07 12.92 27.66
C LEU B 201 -14.31 14.20 28.02
N SER B 202 -15.02 15.23 28.49
CA SER B 202 -14.48 16.60 28.70
C SER B 202 -15.33 17.34 29.73
N ARG B 203 -14.70 18.21 30.53
CA ARG B 203 -15.44 19.11 31.45
C ARG B 203 -16.00 20.28 30.64
N ASN B 204 -15.52 20.50 29.40
CA ASN B 204 -16.02 21.59 28.52
C ASN B 204 -17.30 21.08 27.86
N LYS B 205 -18.46 21.56 28.35
CA LYS B 205 -19.81 21.05 27.99
C LYS B 205 -20.11 21.42 26.53
N THR B 206 -19.52 22.51 26.03
CA THR B 206 -19.58 22.89 24.58
C THR B 206 -19.04 21.74 23.73
N GLU B 207 -17.96 21.11 24.19
CA GLU B 207 -17.27 20.03 23.44
C GLU B 207 -18.07 18.73 23.64
N VAL B 208 -18.68 18.50 24.81
CA VAL B 208 -19.62 17.36 25.02
C VAL B 208 -20.82 17.51 24.07
N ASP B 209 -21.37 18.73 23.96
CA ASP B 209 -22.49 19.02 23.03
C ASP B 209 -22.02 18.72 21.61
N ILE B 210 -20.80 19.15 21.23
CA ILE B 210 -20.25 18.93 19.86
C ILE B 210 -20.09 17.42 19.57
N TYR B 211 -19.58 16.63 20.51
CA TYR B 211 -19.45 15.16 20.32
C TYR B 211 -20.84 14.59 19.99
N ASN B 212 -21.84 15.01 20.76
CA ASN B 212 -23.20 14.43 20.69
C ASN B 212 -23.94 14.85 19.41
N SER B 213 -23.48 15.85 18.66
CA SER B 213 -24.20 16.36 17.45
C SER B 213 -23.40 16.15 16.15
N ASP B 214 -22.14 15.70 16.20
CA ASP B 214 -21.34 15.39 14.99
C ASP B 214 -21.92 14.13 14.35
N PRO B 215 -22.48 14.23 13.12
CA PRO B 215 -23.09 13.05 12.48
C PRO B 215 -22.06 11.99 12.03
N LEU B 216 -20.79 12.38 11.89
CA LEU B 216 -19.67 11.46 11.51
C LEU B 216 -19.17 10.64 12.71
N ILE B 217 -19.70 10.90 13.90
CA ILE B 217 -19.36 10.14 15.14
C ILE B 217 -20.43 9.08 15.33
N CYS B 218 -20.02 7.82 15.47
CA CYS B 218 -20.89 6.69 15.84
C CYS B 218 -20.96 6.67 17.37
N ARG B 219 -22.15 6.92 17.92
CA ARG B 219 -22.44 6.92 19.38
C ARG B 219 -23.20 5.64 19.77
N ALA B 220 -23.18 4.60 18.94
CA ALA B 220 -23.74 3.26 19.24
C ALA B 220 -22.95 2.56 20.37
N GLY B 221 -23.56 1.55 20.98
CA GLY B 221 -22.93 0.65 21.97
C GLY B 221 -21.64 0.01 21.44
N LEU B 222 -20.74 -0.38 22.35
CA LEU B 222 -19.49 -1.07 21.95
C LEU B 222 -19.82 -2.55 21.74
N LYS B 223 -19.75 -3.00 20.49
CA LYS B 223 -20.05 -4.39 20.12
C LYS B 223 -18.99 -5.25 20.80
N VAL B 224 -19.43 -6.38 21.36
CA VAL B 224 -18.58 -7.39 22.06
C VAL B 224 -17.37 -7.71 21.16
N CYS B 225 -17.56 -7.84 19.84
CA CYS B 225 -16.47 -8.21 18.91
C CYS B 225 -15.44 -7.08 18.86
N PHE B 226 -15.89 -5.82 18.89
CA PHE B 226 -15.00 -4.63 18.90
C PHE B 226 -14.25 -4.55 20.24
N GLY B 227 -14.96 -4.77 21.35
CA GLY B 227 -14.38 -4.81 22.71
C GLY B 227 -13.24 -5.80 22.80
N ILE B 228 -13.37 -6.95 22.15
CA ILE B 228 -12.29 -7.98 22.13
C ILE B 228 -11.07 -7.44 21.38
N GLN B 229 -11.28 -6.72 20.28
CA GLN B 229 -10.17 -6.16 19.48
C GLN B 229 -9.46 -5.06 20.28
N LEU B 230 -10.21 -4.27 21.05
CA LEU B 230 -9.64 -3.27 22.00
C LEU B 230 -8.83 -3.98 23.09
N LEU B 231 -9.31 -5.11 23.61
CA LEU B 231 -8.55 -5.93 24.60
C LEU B 231 -7.31 -6.50 23.90
N ASN B 232 -7.40 -6.85 22.61
CA ASN B 232 -6.19 -7.29 21.86
C ASN B 232 -5.17 -6.13 21.80
N ALA B 233 -5.64 -4.93 21.42
CA ALA B 233 -4.86 -3.69 21.31
C ALA B 233 -4.07 -3.47 22.61
N VAL B 234 -4.74 -3.56 23.74
CA VAL B 234 -4.16 -3.27 25.08
C VAL B 234 -3.03 -4.28 25.33
N SER B 235 -3.34 -5.55 25.06
CA SER B 235 -2.40 -6.68 25.23
C SER B 235 -1.18 -6.43 24.35
N ARG B 236 -1.38 -6.02 23.09
CA ARG B 236 -0.27 -5.85 22.11
C ARG B 236 0.53 -4.60 22.47
N VAL B 237 -0.15 -3.51 22.86
CA VAL B 237 0.52 -2.26 23.31
C VAL B 237 1.44 -2.59 24.50
N GLU B 238 0.93 -3.31 25.50
CA GLU B 238 1.70 -3.66 26.74
C GLU B 238 2.94 -4.50 26.37
N ARG B 239 2.82 -5.43 25.43
CA ARG B 239 3.96 -6.27 24.98
C ARG B 239 4.94 -5.41 24.17
N ALA B 240 4.44 -4.37 23.51
CA ALA B 240 5.27 -3.49 22.66
C ALA B 240 6.05 -2.48 23.52
N LEU B 241 5.55 -2.14 24.71
CA LEU B 241 6.08 -0.99 25.49
C LEU B 241 7.57 -1.20 25.73
N PRO B 242 8.03 -2.36 26.26
CA PRO B 242 9.43 -2.53 26.62
C PRO B 242 10.42 -2.39 25.45
N LYS B 243 9.95 -2.33 24.20
CA LYS B 243 10.89 -2.24 23.04
C LYS B 243 10.72 -0.91 22.31
N LEU B 244 9.89 0.01 22.78
CA LEU B 244 9.80 1.36 22.18
C LEU B 244 11.09 2.16 22.46
N THR B 245 11.63 2.79 21.43
CA THR B 245 12.81 3.68 21.51
C THR B 245 12.46 5.04 20.89
N VAL B 246 11.34 5.13 20.18
CA VAL B 246 10.91 6.39 19.50
C VAL B 246 10.76 7.48 20.56
N PRO B 247 11.22 8.71 20.28
CA PRO B 247 10.89 9.88 21.10
C PRO B 247 9.37 10.08 21.23
N PHE B 248 8.89 10.46 22.42
CA PHE B 248 7.46 10.81 22.60
C PHE B 248 7.24 11.87 23.70
N LEU B 249 6.15 12.60 23.48
CA LEU B 249 5.41 13.46 24.44
C LEU B 249 4.09 12.75 24.77
N LEU B 250 3.83 12.54 26.04
CA LEU B 250 2.63 11.85 26.57
C LEU B 250 1.83 12.85 27.42
N LEU B 251 0.59 13.11 27.06
CA LEU B 251 -0.29 14.08 27.77
C LEU B 251 -1.47 13.32 28.35
N GLN B 252 -1.77 13.50 29.65
CA GLN B 252 -2.71 12.64 30.40
C GLN B 252 -3.44 13.45 31.49
N GLY B 253 -4.77 13.37 31.52
CA GLY B 253 -5.61 13.92 32.60
C GLY B 253 -5.62 13.00 33.81
N SER B 254 -5.63 13.54 35.03
CA SER B 254 -5.61 12.75 36.30
C SER B 254 -6.97 12.11 36.56
N ALA B 255 -8.05 12.66 35.99
CA ALA B 255 -9.44 12.23 36.22
C ALA B 255 -10.04 11.68 34.92
N ASP B 256 -9.28 10.86 34.19
CA ASP B 256 -9.70 10.23 32.92
C ASP B 256 -10.40 8.92 33.25
N ARG B 257 -11.68 8.75 32.93
CA ARG B 257 -12.43 7.51 33.30
C ARG B 257 -12.43 6.48 32.15
N LEU B 258 -11.84 6.79 30.99
CA LEU B 258 -11.85 5.92 29.78
C LEU B 258 -10.48 5.25 29.58
N CYS B 259 -9.39 6.01 29.76
CA CYS B 259 -7.99 5.52 29.80
C CYS B 259 -7.37 6.03 31.12
N ASP B 260 -7.23 5.13 32.10
CA ASP B 260 -6.76 5.49 33.48
C ASP B 260 -5.32 6.02 33.42
N SER B 261 -5.08 7.15 34.09
CA SER B 261 -3.77 7.79 34.22
C SER B 261 -2.67 6.75 34.50
N LYS B 262 -2.95 5.67 35.21
CA LYS B 262 -1.90 4.67 35.56
C LYS B 262 -1.20 4.22 34.28
N GLY B 263 -1.93 4.13 33.18
CA GLY B 263 -1.40 3.64 31.90
C GLY B 263 -0.34 4.57 31.35
N ALA B 264 -0.46 5.87 31.57
CA ALA B 264 0.59 6.84 31.16
C ALA B 264 1.87 6.62 31.98
N TYR B 265 1.77 6.41 33.30
CA TYR B 265 2.91 6.09 34.19
C TYR B 265 3.58 4.81 33.69
N LEU B 266 2.79 3.79 33.37
CA LEU B 266 3.29 2.49 32.85
C LEU B 266 4.14 2.71 31.59
N LEU B 267 3.64 3.51 30.64
CA LEU B 267 4.36 3.84 29.38
C LEU B 267 5.67 4.58 29.69
N MET B 268 5.67 5.55 30.61
CA MET B 268 6.91 6.22 31.05
C MET B 268 7.87 5.19 31.69
N GLU B 269 7.37 4.20 32.45
CA GLU B 269 8.24 3.18 33.13
C GLU B 269 8.87 2.23 32.09
N LEU B 270 8.09 1.67 31.17
CA LEU B 270 8.49 0.48 30.35
C LEU B 270 9.22 0.89 29.07
N ALA B 271 8.85 2.01 28.45
CA ALA B 271 9.45 2.43 27.16
C ALA B 271 10.95 2.64 27.37
N LYS B 272 11.77 2.29 26.36
CA LYS B 272 13.25 2.45 26.45
C LYS B 272 13.66 3.79 25.84
N SER B 273 12.73 4.50 25.20
CA SER B 273 12.95 5.85 24.60
C SER B 273 13.88 6.71 25.49
N GLN B 274 14.92 7.30 24.91
CA GLN B 274 15.87 8.20 25.62
C GLN B 274 15.23 9.59 25.73
N ASP B 275 14.18 9.86 24.94
CA ASP B 275 13.51 11.19 24.88
C ASP B 275 12.01 10.99 25.16
N LYS B 276 11.64 11.03 26.44
CA LYS B 276 10.23 10.81 26.86
C LYS B 276 9.85 11.84 27.90
N THR B 277 8.66 12.44 27.72
CA THR B 277 8.11 13.53 28.56
C THR B 277 6.65 13.20 28.88
N LEU B 278 6.27 13.34 30.15
CA LEU B 278 4.88 13.21 30.65
C LEU B 278 4.42 14.55 31.22
N LYS B 279 3.27 15.03 30.76
CA LYS B 279 2.51 16.14 31.40
C LYS B 279 1.21 15.54 31.94
N ILE B 280 0.98 15.66 33.26
CA ILE B 280 -0.33 15.39 33.92
C ILE B 280 -1.09 16.70 34.03
N TYR B 281 -2.35 16.73 33.59
CA TYR B 281 -3.32 17.84 33.75
C TYR B 281 -4.32 17.46 34.85
N GLU B 282 -4.14 18.04 36.05
CA GLU B 282 -4.89 17.63 37.27
C GLU B 282 -6.37 18.01 37.08
N GLY B 283 -7.27 17.06 37.39
CA GLY B 283 -8.73 17.23 37.29
C GLY B 283 -9.28 16.99 35.88
N ALA B 284 -8.43 16.96 34.84
CA ALA B 284 -8.85 16.91 33.41
C ALA B 284 -9.41 15.52 33.07
N TYR B 285 -10.38 15.53 32.17
CA TYR B 285 -11.02 14.31 31.61
C TYR B 285 -10.13 13.78 30.46
N HIS B 286 -10.72 13.05 29.53
CA HIS B 286 -10.03 12.17 28.56
C HIS B 286 -9.52 12.97 27.38
N VAL B 287 -10.36 13.82 26.80
CA VAL B 287 -10.06 14.50 25.51
C VAL B 287 -9.41 15.85 25.80
N LEU B 288 -8.10 15.84 26.04
CA LEU B 288 -7.36 16.99 26.60
C LEU B 288 -7.35 18.14 25.60
N HIS B 289 -7.37 17.83 24.31
CA HIS B 289 -7.34 18.83 23.22
C HIS B 289 -8.74 19.41 23.00
N LYS B 290 -9.73 18.96 23.78
CA LYS B 290 -11.12 19.47 23.72
C LYS B 290 -11.61 19.65 25.16
N GLU B 291 -10.73 20.11 26.04
CA GLU B 291 -11.05 20.25 27.47
C GLU B 291 -11.41 21.71 27.76
N LEU B 292 -11.47 22.07 29.05
CA LEU B 292 -11.47 23.49 29.50
C LEU B 292 -10.33 24.22 28.78
N PRO B 293 -10.58 25.44 28.27
CA PRO B 293 -9.55 26.23 27.58
C PRO B 293 -8.17 26.36 28.24
N GLU B 294 -8.08 26.31 29.58
CA GLU B 294 -6.77 26.38 30.31
C GLU B 294 -5.91 25.20 29.85
N VAL B 295 -6.56 24.03 29.75
CA VAL B 295 -5.95 22.73 29.38
C VAL B 295 -5.70 22.72 27.86
N THR B 296 -6.72 23.00 27.06
CA THR B 296 -6.59 22.93 25.59
C THR B 296 -5.43 23.84 25.15
N ASN B 297 -5.36 25.07 25.69
CA ASN B 297 -4.29 26.03 25.29
C ASN B 297 -2.92 25.47 25.68
N SER B 298 -2.79 24.88 26.88
CA SER B 298 -1.55 24.24 27.38
C SER B 298 -1.16 23.07 26.46
N VAL B 299 -2.14 22.19 26.19
CA VAL B 299 -2.00 21.00 25.29
C VAL B 299 -1.47 21.50 23.95
N PHE B 300 -2.17 22.44 23.32
CA PHE B 300 -1.80 22.95 21.98
C PHE B 300 -0.35 23.48 22.03
N HIS B 301 -0.03 24.27 23.07
CA HIS B 301 1.28 24.94 23.24
C HIS B 301 2.40 23.91 23.46
N GLU B 302 2.18 22.91 24.32
CA GLU B 302 3.19 21.85 24.61
C GLU B 302 3.48 21.04 23.33
N ILE B 303 2.46 20.70 22.55
CA ILE B 303 2.64 19.94 21.28
C ILE B 303 3.46 20.82 20.32
N ASN B 304 3.09 22.09 20.22
CA ASN B 304 3.77 23.10 19.35
C ASN B 304 5.26 23.11 19.72
N MET B 305 5.60 23.32 21.00
CA MET B 305 7.01 23.44 21.46
C MET B 305 7.74 22.12 21.18
N TRP B 306 7.12 20.98 21.53
CA TRP B 306 7.80 19.66 21.46
C TRP B 306 8.09 19.32 19.98
N VAL B 307 7.14 19.58 19.08
CA VAL B 307 7.35 19.30 17.63
C VAL B 307 8.35 20.31 17.03
N SER B 308 8.24 21.60 17.35
CA SER B 308 9.15 22.68 16.84
C SER B 308 10.62 22.30 17.10
N GLN B 309 10.93 21.96 18.34
CA GLN B 309 12.31 21.67 18.80
C GLN B 309 12.82 20.38 18.17
N ARG B 310 11.98 19.59 17.52
CA ARG B 310 12.44 18.30 16.97
C ARG B 310 12.39 18.31 15.45
N THR B 311 12.11 19.46 14.84
CA THR B 311 12.00 19.64 13.37
C THR B 311 13.04 20.68 12.91
#